data_3TH0
#
_entry.id   3TH0
#
_cell.length_a   119.943
_cell.length_b   119.943
_cell.length_c   119.943
_cell.angle_alpha   90.00
_cell.angle_beta   90.00
_cell.angle_gamma   90.00
#
_symmetry.space_group_name_H-M   'P 21 3'
#
loop_
_entity.id
_entity.type
_entity.pdbx_description
1 polymer 'Bifunctional tail protein'
2 branched alpha-D-galactopyranose-(1-2)-[alpha-D-Paratopyranose-(1-3)]alpha-D-mannopyranose-(1-4)-alpha-L-rhamnopyranose-(1-3)-alpha-D-galactopyranose-(1-2)-[alpha-D-Paratopyranose-(1-3)]alpha-D-mannopyranose-(1-4)-alpha-L-rhamnopyranose
3 non-polymer GLYCEROL
4 water water
#
_entity_poly.entity_id   1
_entity_poly.type   'polypeptide(L)'
_entity_poly.pdbx_seq_one_letter_code
;YDPDQYSIEADKKFKYSVKLSDYPTLQDAASAAVDGLLIDRDYNFYGGETVDFGGKVLTIECKAKFIGDGNLIFTKLGKG
SRIAGVFMESTTTPWVIKPWTDDNQWLTDAAAVVATLKQSKTDGYQPTVSDYVKFPGIETLLPPNAKGQNITSTLEIREC
IGVEVHRASGLMAGFLFRGCHFCKMVDANNPSGGKDGIITFENLSGDWGKGNYVIGGRTSYGSVSSAQFLRNNGGFERDG
GVIGFTSYRAGESGVKTWQGTVGSTTSRNYNLQFRDSVVIYPVWDGFDLGADTDMNPELDRPGDYPITQYPLHQLPLNHL
IDNLLVRGALGVGFGMDGKGMYVSNITVEDCAGSGAYLLTHESVFTNIAIIDTNTKDFQANQIYISGACRVNGLRLIGIR
STDGQSLTIDAPNSTVSGITGMVDPSRINVANLAEEGLGNIRANSFGYDSAAIKLRIHKLSKTLDSGALYSHINGGAGSG
SAYTQLTAISGSTPDAVSLKVNHKDCRGAEIPFVPDIASDDFIKDSSCFLPYWENNSTSLKALVKKPNGELVRLTLATL
;
_entity_poly.pdbx_strand_id   A
#
# COMPACT_ATOMS: atom_id res chain seq x y z
N TYR A 6 23.18 57.07 21.25
CA TYR A 6 23.42 55.61 21.04
C TYR A 6 22.13 54.81 20.94
N SER A 7 21.12 55.20 21.71
CA SER A 7 19.83 54.51 21.75
C SER A 7 19.17 54.48 20.37
N ILE A 8 19.22 55.62 19.69
CA ILE A 8 18.65 55.75 18.35
C ILE A 8 19.39 54.85 17.37
N GLU A 9 20.71 54.83 17.45
CA GLU A 9 21.49 54.00 16.53
C GLU A 9 21.35 52.51 16.85
N ALA A 10 21.23 52.16 18.13
CA ALA A 10 21.10 50.75 18.53
C ALA A 10 19.77 50.18 18.02
N ASP A 11 18.70 50.96 18.20
CA ASP A 11 17.38 50.55 17.70
C ASP A 11 17.37 50.29 16.19
N LYS A 12 18.24 50.96 15.45
CA LYS A 12 18.35 50.76 14.00
C LYS A 12 19.27 49.61 13.60
N LYS A 13 20.31 49.33 14.37
CA LYS A 13 21.33 48.38 13.89
C LYS A 13 21.25 46.97 14.43
N PHE A 14 20.41 46.73 15.42
CA PHE A 14 20.30 45.40 16.04
C PHE A 14 19.02 44.66 15.67
N LYS A 15 19.14 43.35 15.51
CA LYS A 15 18.02 42.45 15.29
C LYS A 15 17.12 42.35 16.52
N TYR A 16 15.81 42.48 16.31
CA TYR A 16 14.83 42.41 17.40
C TYR A 16 14.43 40.97 17.70
N SER A 17 14.60 40.59 18.96
CA SER A 17 14.17 39.29 19.47
C SER A 17 13.92 39.41 20.96
N VAL A 18 12.81 38.84 21.42
CA VAL A 18 12.54 38.66 22.83
C VAL A 18 12.73 37.19 23.16
N LYS A 19 12.97 36.90 24.44
CA LYS A 19 13.24 35.55 24.89
C LYS A 19 12.39 35.22 26.12
N LEU A 20 11.89 34.00 26.16
CA LEU A 20 10.97 33.56 27.20
C LEU A 20 11.54 33.69 28.62
N SER A 21 12.86 33.65 28.76
CA SER A 21 13.50 33.79 30.08
C SER A 21 13.22 35.14 30.76
N ASP A 22 12.77 36.14 30.00
CA ASP A 22 12.50 37.47 30.51
C ASP A 22 11.04 37.69 30.92
N TYR A 23 10.19 36.67 30.79
CA TYR A 23 8.73 36.81 30.96
C TYR A 23 8.14 35.67 31.79
N PRO A 24 7.10 35.96 32.58
CA PRO A 24 6.50 34.91 33.39
C PRO A 24 5.60 33.97 32.61
N THR A 25 4.97 34.43 31.53
CA THR A 25 4.13 33.60 30.69
C THR A 25 4.49 33.71 29.22
N LEU A 26 4.06 32.73 28.44
CA LEU A 26 4.31 32.73 27.01
C LEU A 26 3.56 33.89 26.32
N GLN A 27 2.32 34.15 26.76
CA GLN A 27 1.58 35.30 26.22
C GLN A 27 2.31 36.63 26.45
N ASP A 28 2.94 36.80 27.61
CA ASP A 28 3.69 38.04 27.86
C ASP A 28 4.84 38.17 26.85
N ALA A 29 5.55 37.08 26.61
CA ALA A 29 6.61 37.09 25.58
C ALA A 29 6.06 37.39 24.19
N ALA A 30 4.97 36.70 23.83
CA ALA A 30 4.34 36.88 22.52
C ALA A 30 3.91 38.33 22.30
N SER A 31 3.31 38.94 23.33
CA SER A 31 2.89 40.34 23.23
C SER A 31 4.06 41.30 23.01
N ALA A 32 5.21 41.01 23.61
CA ALA A 32 6.40 41.86 23.50
C ALA A 32 7.14 41.69 22.17
N ALA A 33 6.98 40.54 21.53
CA ALA A 33 7.76 40.21 20.35
C ALA A 33 7.41 41.10 19.19
N VAL A 34 8.41 41.37 18.36
CA VAL A 34 8.27 42.16 17.15
C VAL A 34 8.73 41.41 15.88
N ASP A 35 9.82 40.67 16.01
CA ASP A 35 10.47 39.98 14.89
C ASP A 35 10.77 38.55 15.35
N GLY A 36 11.76 38.39 16.22
CA GLY A 36 12.11 37.07 16.77
C GLY A 36 11.48 36.80 18.13
N LEU A 37 11.29 35.52 18.44
CA LEU A 37 10.95 35.06 19.78
C LEU A 37 11.77 33.81 20.05
N LEU A 38 12.56 33.83 21.12
CA LEU A 38 13.43 32.70 21.47
C LEU A 38 12.87 31.97 22.68
N ILE A 39 12.68 30.66 22.55
CA ILE A 39 12.25 29.84 23.68
C ILE A 39 13.52 29.27 24.30
N ASP A 40 14.01 29.96 25.36
CA ASP A 40 15.31 29.62 25.96
C ASP A 40 15.21 29.04 27.37
N ARG A 41 14.00 28.72 27.81
CA ARG A 41 13.77 28.01 29.05
C ARG A 41 12.63 27.05 28.83
N ASP A 42 12.66 25.91 29.51
CA ASP A 42 11.53 24.99 29.46
C ASP A 42 10.29 25.70 29.95
N TYR A 43 9.16 25.40 29.33
CA TYR A 43 7.91 26.06 29.67
C TYR A 43 6.81 25.06 29.90
N ASN A 44 6.30 25.04 31.13
CA ASN A 44 5.19 24.19 31.48
C ASN A 44 3.90 24.90 31.11
N PHE A 45 3.11 24.29 30.23
CA PHE A 45 1.84 24.85 29.80
C PHE A 45 0.69 23.99 30.32
N TYR A 46 -0.45 24.63 30.52
CA TYR A 46 -1.69 23.89 30.81
C TYR A 46 -2.47 23.61 29.54
N GLY A 47 -3.16 22.48 29.52
CA GLY A 47 -3.96 22.08 28.36
C GLY A 47 -4.93 23.18 28.00
N GLY A 48 -4.88 23.63 26.75
CA GLY A 48 -5.78 24.67 26.26
C GLY A 48 -5.25 26.08 26.41
N GLU A 49 -4.04 26.20 26.98
CA GLU A 49 -3.36 27.50 27.06
C GLU A 49 -3.21 28.08 25.66
N THR A 50 -3.68 29.32 25.49
CA THR A 50 -3.81 29.92 24.15
C THR A 50 -3.02 31.21 24.09
N VAL A 51 -2.20 31.34 23.05
CA VAL A 51 -1.31 32.45 22.85
C VAL A 51 -1.76 33.20 21.60
N ASP A 52 -1.94 34.50 21.76
CA ASP A 52 -2.38 35.41 20.70
C ASP A 52 -1.15 36.21 20.24
N PHE A 53 -0.73 35.98 18.99
CA PHE A 53 0.47 36.57 18.46
C PHE A 53 0.20 37.87 17.68
N GLY A 54 -1.02 38.38 17.79
CA GLY A 54 -1.30 39.75 17.37
C GLY A 54 -1.18 40.02 15.88
N GLY A 55 -1.28 38.96 15.09
CA GLY A 55 -1.10 39.03 13.63
C GLY A 55 0.34 39.27 13.19
N LYS A 56 1.29 39.19 14.12
CA LYS A 56 2.67 39.53 13.82
C LYS A 56 3.36 38.40 13.07
N VAL A 57 4.27 38.78 12.17
CA VAL A 57 5.03 37.81 11.39
C VAL A 57 6.28 37.50 12.19
N LEU A 58 6.23 36.39 12.92
CA LEU A 58 7.26 36.08 13.91
C LEU A 58 8.09 34.87 13.53
N THR A 59 9.38 34.94 13.89
CA THR A 59 10.32 33.84 13.72
C THR A 59 10.61 33.29 15.10
N ILE A 60 9.99 32.16 15.40
CA ILE A 60 10.05 31.59 16.74
C ILE A 60 11.12 30.50 16.73
N GLU A 61 12.20 30.73 17.48
CA GLU A 61 13.30 29.77 17.56
CA GLU A 61 13.30 29.78 17.55
C GLU A 61 13.27 29.08 18.90
N CYS A 62 13.08 27.76 18.88
CA CYS A 62 12.97 26.99 20.11
C CYS A 62 14.26 26.26 20.46
N LYS A 63 14.75 26.49 21.68
CA LYS A 63 15.93 25.84 22.22
C LYS A 63 15.64 25.26 23.61
N ALA A 64 14.37 24.95 23.88
CA ALA A 64 13.95 24.32 25.13
C ALA A 64 12.60 23.67 24.89
N LYS A 65 12.03 23.06 25.93
CA LYS A 65 10.81 22.24 25.80
C LYS A 65 9.53 22.96 26.15
N PHE A 66 8.45 22.59 25.48
CA PHE A 66 7.09 22.91 25.95
C PHE A 66 6.58 21.65 26.61
N ILE A 67 6.34 21.73 27.91
CA ILE A 67 6.02 20.56 28.72
C ILE A 67 4.57 20.61 29.20
N GLY A 68 3.79 19.59 28.87
CA GLY A 68 2.39 19.54 29.27
C GLY A 68 1.61 18.44 28.58
N ASP A 69 0.63 17.88 29.29
CA ASP A 69 -0.38 17.06 28.64
C ASP A 69 -1.40 18.02 27.99
N GLY A 70 -1.94 17.63 26.84
CA GLY A 70 -2.91 18.46 26.15
C GLY A 70 -2.31 19.41 25.16
N ASN A 71 -3.08 20.45 24.82
CA ASN A 71 -2.76 21.32 23.68
C ASN A 71 -2.27 22.69 24.10
N LEU A 72 -1.13 23.08 23.52
CA LEU A 72 -0.66 24.47 23.55
C LEU A 72 -1.10 25.08 22.22
N ILE A 73 -1.93 26.12 22.31
CA ILE A 73 -2.64 26.64 21.15
C ILE A 73 -2.08 27.98 20.73
N PHE A 74 -1.56 28.03 19.52
CA PHE A 74 -1.00 29.25 18.93
C PHE A 74 -2.01 29.85 17.96
N THR A 75 -2.32 31.13 18.15
CA THR A 75 -3.29 31.83 17.31
C THR A 75 -2.76 33.16 16.79
N LYS A 76 -3.38 33.64 15.71
CA LYS A 76 -3.09 34.98 15.19
C LYS A 76 -1.59 35.20 14.89
N LEU A 77 -0.95 34.19 14.29
CA LEU A 77 0.36 34.36 13.70
C LEU A 77 0.21 34.91 12.29
N GLY A 78 1.01 35.92 11.95
CA GLY A 78 0.98 36.48 10.59
C GLY A 78 1.51 35.52 9.52
N LYS A 79 1.05 35.72 8.28
CA LYS A 79 1.54 34.92 7.16
C LYS A 79 3.05 35.08 7.03
N GLY A 80 3.75 33.96 6.89
CA GLY A 80 5.21 33.93 6.86
C GLY A 80 5.88 33.58 8.17
N SER A 81 5.09 33.42 9.23
CA SER A 81 5.65 33.04 10.52
C SER A 81 6.22 31.63 10.47
N ARG A 82 7.25 31.40 11.27
CA ARG A 82 7.95 30.10 11.29
C ARG A 82 8.25 29.73 12.71
N ILE A 83 8.19 28.44 13.02
CA ILE A 83 8.45 27.93 14.36
C ILE A 83 9.45 26.80 14.19
N ALA A 84 10.66 26.97 14.73
CA ALA A 84 11.75 26.01 14.48
C ALA A 84 12.22 25.36 15.76
N GLY A 85 12.44 24.04 15.70
CA GLY A 85 13.07 23.31 16.78
C GLY A 85 12.18 22.97 17.95
N VAL A 86 10.87 23.17 17.80
CA VAL A 86 9.94 22.95 18.90
C VAL A 86 10.06 21.52 19.42
N PHE A 87 9.97 21.37 20.75
CA PHE A 87 10.04 20.05 21.37
C PHE A 87 8.90 19.96 22.37
N MET A 88 7.92 19.09 22.08
CA MET A 88 6.78 18.87 22.97
C MET A 88 7.03 17.66 23.83
N GLU A 89 6.65 17.73 25.10
CA GLU A 89 6.75 16.57 25.98
C GLU A 89 5.59 16.53 26.99
N SER A 90 4.96 15.37 27.10
CA SER A 90 3.91 15.15 28.10
C SER A 90 4.47 15.25 29.53
N THR A 91 3.60 15.55 30.50
CA THR A 91 3.96 15.36 31.91
C THR A 91 3.73 13.91 32.36
N THR A 92 2.75 13.24 31.76
CA THR A 92 2.45 11.87 32.13
C THR A 92 3.34 10.87 31.40
N THR A 93 3.76 9.83 32.10
CA THR A 93 4.40 8.66 31.52
C THR A 93 3.35 7.55 31.49
N PRO A 94 2.78 7.26 30.31
CA PRO A 94 1.69 6.30 30.22
C PRO A 94 2.20 4.85 30.11
N TRP A 95 1.26 3.92 30.12
CA TRP A 95 1.55 2.51 29.83
C TRP A 95 1.49 2.30 28.32
N VAL A 96 2.54 1.71 27.77
CA VAL A 96 2.61 1.46 26.34
C VAL A 96 2.84 -0.02 26.04
N ILE A 97 2.28 -0.46 24.91
CA ILE A 97 2.56 -1.79 24.39
C ILE A 97 3.62 -1.71 23.29
N LYS A 98 4.32 -2.82 23.10
CA LYS A 98 5.39 -2.94 22.12
CA LYS A 98 5.39 -2.94 22.12
C LYS A 98 5.22 -4.26 21.38
N PRO A 99 4.34 -4.28 20.37
CA PRO A 99 3.98 -5.57 19.74
C PRO A 99 4.96 -6.07 18.72
N TRP A 100 6.24 -6.07 19.08
CA TRP A 100 7.27 -6.68 18.24
C TRP A 100 8.41 -7.21 19.10
N THR A 101 9.14 -8.20 18.57
CA THR A 101 10.18 -8.91 19.34
C THR A 101 11.56 -8.29 19.13
N ASP A 102 12.55 -8.81 19.85
CA ASP A 102 13.93 -8.34 19.72
CA ASP A 102 13.93 -8.36 19.73
C ASP A 102 14.58 -8.74 18.41
N ASP A 103 13.88 -9.56 17.60
CA ASP A 103 14.30 -9.87 16.23
CA ASP A 103 14.30 -9.85 16.23
C ASP A 103 13.41 -9.14 15.21
N ASN A 104 12.63 -8.17 15.70
CA ASN A 104 11.68 -7.38 14.91
C ASN A 104 10.62 -8.19 14.15
N GLN A 105 10.19 -9.27 14.77
CA GLN A 105 9.00 -9.98 14.33
C GLN A 105 7.79 -9.35 15.00
N TRP A 106 6.68 -9.22 14.27
CA TRP A 106 5.47 -8.73 14.88
C TRP A 106 4.93 -9.77 15.86
N LEU A 107 4.46 -9.31 17.00
CA LEU A 107 3.64 -10.13 17.89
C LEU A 107 2.18 -9.99 17.47
N THR A 108 1.50 -11.10 17.30
CA THR A 108 0.07 -11.10 16.97
C THR A 108 -0.81 -11.64 18.09
N ASP A 109 -0.24 -12.44 19.00
CA ASP A 109 -0.96 -12.98 20.15
C ASP A 109 -1.18 -11.90 21.24
N ALA A 110 -2.44 -11.71 21.61
CA ALA A 110 -2.83 -10.70 22.57
C ALA A 110 -2.08 -10.85 23.90
N ALA A 111 -2.00 -12.08 24.41
CA ALA A 111 -1.29 -12.32 25.67
C ALA A 111 0.19 -11.94 25.61
N ALA A 112 0.84 -12.23 24.48
CA ALA A 112 2.23 -11.81 24.29
C ALA A 112 2.35 -10.29 24.22
N VAL A 113 1.38 -9.63 23.59
CA VAL A 113 1.39 -8.16 23.52
C VAL A 113 1.22 -7.55 24.92
N VAL A 114 0.30 -8.09 25.70
CA VAL A 114 0.07 -7.57 27.04
C VAL A 114 1.33 -7.69 27.91
N ALA A 115 2.04 -8.80 27.74
CA ALA A 115 3.30 -9.05 28.44
C ALA A 115 4.38 -7.99 28.20
N THR A 116 4.26 -7.22 27.10
CA THR A 116 5.23 -6.16 26.79
C THR A 116 5.01 -4.84 27.52
N LEU A 117 3.89 -4.72 28.24
CA LEU A 117 3.52 -3.47 28.88
C LEU A 117 4.65 -2.89 29.74
N LYS A 118 4.87 -1.59 29.59
CA LYS A 118 5.80 -0.83 30.42
C LYS A 118 5.32 0.61 30.52
N GLN A 119 5.78 1.32 31.54
CA GLN A 119 5.57 2.77 31.60
C GLN A 119 6.72 3.49 30.91
N SER A 120 6.43 4.17 29.80
CA SER A 120 7.43 4.90 29.07
C SER A 120 6.76 5.92 28.17
N LYS A 121 7.48 6.99 27.88
CA LYS A 121 7.02 7.98 26.91
C LYS A 121 7.37 7.60 25.47
N THR A 122 8.00 6.46 25.27
CA THR A 122 8.45 6.06 23.92
C THR A 122 8.60 4.54 23.81
N ASP A 123 9.10 4.06 22.68
N ASP A 123 9.15 4.08 22.69
CA ASP A 123 9.36 2.64 22.49
CA ASP A 123 9.37 2.64 22.36
C ASP A 123 8.09 1.78 22.58
C ASP A 123 8.11 1.80 22.57
N GLY A 124 7.01 2.31 22.04
CA GLY A 124 5.71 1.66 22.14
C GLY A 124 4.61 2.70 22.05
N TYR A 125 3.38 2.26 22.20
CA TYR A 125 2.27 3.18 22.14
C TYR A 125 1.12 2.79 23.08
N GLN A 126 0.30 3.78 23.41
CA GLN A 126 -0.89 3.55 24.25
C GLN A 126 -1.96 2.80 23.49
N PRO A 127 -2.46 1.67 24.03
CA PRO A 127 -3.53 0.96 23.31
C PRO A 127 -4.79 1.78 22.99
N THR A 128 -5.35 1.52 21.82
CA THR A 128 -6.55 2.18 21.33
C THR A 128 -7.65 1.15 21.07
N VAL A 129 -8.84 1.64 20.70
CA VAL A 129 -9.95 0.75 20.36
C VAL A 129 -9.65 -0.09 19.14
N SER A 130 -8.80 0.43 18.24
CA SER A 130 -8.39 -0.34 17.07
C SER A 130 -7.52 -1.54 17.45
N ASP A 131 -6.72 -1.42 18.52
CA ASP A 131 -5.96 -2.58 19.01
C ASP A 131 -6.85 -3.75 19.41
N TYR A 132 -8.07 -3.45 19.86
CA TYR A 132 -9.01 -4.51 20.24
C TYR A 132 -9.34 -5.38 19.03
N VAL A 133 -9.30 -4.80 17.84
CA VAL A 133 -9.53 -5.55 16.59
C VAL A 133 -8.23 -6.21 16.10
N LYS A 134 -7.14 -5.45 16.15
CA LYS A 134 -5.86 -5.89 15.64
C LYS A 134 -5.32 -7.13 16.38
N PHE A 135 -5.49 -7.13 17.70
CA PHE A 135 -5.00 -8.20 18.56
C PHE A 135 -6.18 -8.81 19.31
N PRO A 136 -6.94 -9.69 18.64
CA PRO A 136 -8.20 -10.14 19.25
C PRO A 136 -8.01 -10.79 20.61
N GLY A 137 -8.86 -10.37 21.55
CA GLY A 137 -8.77 -10.83 22.92
C GLY A 137 -8.01 -9.86 23.83
N ILE A 138 -7.31 -8.89 23.25
CA ILE A 138 -6.48 -7.99 24.05
C ILE A 138 -7.32 -7.08 24.93
N GLU A 139 -8.53 -6.75 24.49
CA GLU A 139 -9.41 -5.90 25.29
C GLU A 139 -9.66 -6.52 26.67
N THR A 140 -9.88 -7.84 26.71
CA THR A 140 -10.10 -8.53 27.97
C THR A 140 -8.82 -8.67 28.79
N LEU A 141 -7.68 -8.81 28.12
CA LEU A 141 -6.43 -9.14 28.82
C LEU A 141 -5.67 -7.93 29.34
N LEU A 142 -5.89 -6.77 28.73
CA LEU A 142 -5.19 -5.56 29.18
C LEU A 142 -5.67 -5.15 30.56
N PRO A 143 -4.74 -4.74 31.43
CA PRO A 143 -5.18 -4.19 32.70
C PRO A 143 -5.85 -2.84 32.51
N PRO A 144 -6.71 -2.44 33.47
CA PRO A 144 -7.44 -1.18 33.33
C PRO A 144 -6.54 0.04 33.12
N ASN A 145 -5.35 0.06 33.72
CA ASN A 145 -4.50 1.24 33.61
C ASN A 145 -3.91 1.42 32.23
N ALA A 146 -4.02 0.38 31.39
CA ALA A 146 -3.50 0.41 30.02
C ALA A 146 -4.58 0.65 28.97
N LYS A 147 -5.83 0.81 29.40
CA LYS A 147 -6.95 1.10 28.51
C LYS A 147 -7.51 2.51 28.72
N GLY A 148 -7.88 3.13 27.61
CA GLY A 148 -8.52 4.44 27.67
C GLY A 148 -7.59 5.59 28.00
N GLN A 149 -6.27 5.39 27.85
CA GLN A 149 -5.31 6.44 28.15
C GLN A 149 -5.36 7.47 27.03
N ASN A 150 -5.05 8.72 27.35
CA ASN A 150 -5.13 9.78 26.36
C ASN A 150 -4.03 10.82 26.49
N ILE A 151 -2.78 10.38 26.49
CA ILE A 151 -1.65 11.28 26.68
C ILE A 151 -1.04 11.71 25.34
N THR A 152 -1.12 13.01 25.08
CA THR A 152 -0.38 13.65 23.99
C THR A 152 -0.05 15.09 24.43
N SER A 153 1.13 15.57 24.07
CA SER A 153 1.51 16.97 24.23
C SER A 153 1.48 17.54 22.83
N THR A 154 0.49 18.40 22.54
CA THR A 154 0.24 18.83 21.17
C THR A 154 0.43 20.32 20.98
N LEU A 155 1.24 20.68 19.98
CA LEU A 155 1.26 22.05 19.50
C LEU A 155 0.16 22.24 18.47
N GLU A 156 -0.80 23.11 18.78
CA GLU A 156 -1.94 23.37 17.91
C GLU A 156 -1.78 24.76 17.30
N ILE A 157 -1.67 24.80 15.97
CA ILE A 157 -1.71 26.05 15.24
C ILE A 157 -3.16 26.17 14.78
N ARG A 158 -3.84 27.21 15.25
CA ARG A 158 -5.27 27.36 15.01
C ARG A 158 -5.60 28.55 14.11
N GLU A 159 -6.25 28.24 13.00
CA GLU A 159 -6.83 29.24 12.09
C GLU A 159 -5.79 30.25 11.60
N CYS A 160 -4.63 29.73 11.21
CA CYS A 160 -3.55 30.55 10.65
C CYS A 160 -3.30 30.21 9.19
N ILE A 161 -2.76 31.19 8.48
CA ILE A 161 -2.38 31.03 7.09
C ILE A 161 -0.89 31.27 6.96
N GLY A 162 -0.21 30.40 6.24
CA GLY A 162 1.18 30.63 5.90
C GLY A 162 2.12 30.49 7.08
N VAL A 163 1.87 29.49 7.94
CA VAL A 163 2.73 29.19 9.07
C VAL A 163 3.45 27.86 8.85
N GLU A 164 4.76 27.85 9.10
CA GLU A 164 5.57 26.63 8.94
C GLU A 164 6.23 26.22 10.24
N VAL A 165 6.12 24.93 10.56
CA VAL A 165 6.76 24.35 11.72
C VAL A 165 7.89 23.50 11.18
N HIS A 166 9.12 23.81 11.57
CA HIS A 166 10.33 23.20 11.03
C HIS A 166 11.13 22.46 12.11
N ARG A 167 11.61 21.26 11.79
CA ARG A 167 12.51 20.52 12.68
C ARG A 167 11.91 20.26 14.06
N ALA A 168 10.61 19.96 14.10
CA ALA A 168 9.93 19.72 15.38
C ALA A 168 10.28 18.34 15.91
N SER A 169 10.28 18.18 17.23
CA SER A 169 10.47 16.84 17.81
C SER A 169 9.70 16.75 19.14
N GLY A 170 9.92 15.67 19.87
CA GLY A 170 9.32 15.54 21.18
C GLY A 170 9.09 14.12 21.62
N LEU A 171 8.40 14.00 22.75
CA LEU A 171 8.08 12.71 23.37
C LEU A 171 6.61 12.73 23.76
N MET A 172 5.88 11.71 23.34
CA MET A 172 4.41 11.71 23.41
C MET A 172 3.86 12.97 22.74
N ALA A 173 4.45 13.31 21.60
CA ALA A 173 4.26 14.57 20.92
C ALA A 173 3.31 14.54 19.73
N GLY A 174 2.54 15.61 19.59
CA GLY A 174 1.65 15.82 18.46
C GLY A 174 1.66 17.25 17.95
N PHE A 175 1.28 17.40 16.68
CA PHE A 175 1.28 18.66 15.97
C PHE A 175 -0.01 18.75 15.18
N LEU A 176 -0.81 19.76 15.48
CA LEU A 176 -2.13 19.88 14.90
C LEU A 176 -2.27 21.25 14.27
N PHE A 177 -2.69 21.26 13.01
CA PHE A 177 -3.02 22.47 12.28
C PHE A 177 -4.52 22.39 12.07
N ARG A 178 -5.25 23.24 12.79
CA ARG A 178 -6.73 23.23 12.79
C ARG A 178 -7.27 24.46 12.07
N GLY A 179 -8.02 24.24 10.98
CA GLY A 179 -8.58 25.34 10.22
C GLY A 179 -7.55 26.22 9.56
N CYS A 180 -6.40 25.63 9.23
CA CYS A 180 -5.29 26.37 8.65
C CYS A 180 -5.22 26.18 7.13
N HIS A 181 -4.53 27.10 6.47
CA HIS A 181 -4.27 27.02 5.02
C HIS A 181 -2.85 27.45 4.72
N PHE A 182 -2.25 26.84 3.71
CA PHE A 182 -0.89 27.21 3.28
C PHE A 182 0.12 27.07 4.41
N CYS A 183 -0.07 26.02 5.23
CA CYS A 183 0.82 25.72 6.32
C CYS A 183 1.57 24.43 6.03
N LYS A 184 2.75 24.29 6.64
CA LYS A 184 3.60 23.13 6.38
C LYS A 184 4.30 22.63 7.65
N MET A 185 4.42 21.32 7.73
CA MET A 185 5.23 20.62 8.73
C MET A 185 6.46 20.15 7.98
N VAL A 186 7.58 20.81 8.25
CA VAL A 186 8.78 20.64 7.42
C VAL A 186 9.93 19.99 8.21
N ASP A 187 10.54 18.96 7.62
CA ASP A 187 11.70 18.31 8.22
C ASP A 187 11.46 17.91 9.69
N ALA A 188 10.29 17.32 9.99
CA ALA A 188 10.02 16.78 11.32
C ALA A 188 11.22 15.98 11.81
N ASN A 189 11.76 16.35 12.97
CA ASN A 189 12.96 15.70 13.51
C ASN A 189 12.63 14.50 14.41
N ASN A 190 11.96 13.52 13.81
CA ASN A 190 11.62 12.30 14.50
C ASN A 190 10.92 12.45 15.85
N PRO A 191 9.85 13.28 15.89
CA PRO A 191 9.06 13.23 17.13
C PRO A 191 8.57 11.82 17.42
N SER A 192 8.54 11.47 18.70
CA SER A 192 7.99 10.20 19.16
C SER A 192 6.54 10.50 19.57
N GLY A 193 5.58 9.80 18.98
CA GLY A 193 4.18 10.16 19.10
C GLY A 193 3.47 9.77 20.39
N GLY A 194 2.33 10.43 20.64
CA GLY A 194 1.45 10.11 21.74
C GLY A 194 0.17 9.45 21.25
N LYS A 195 -0.94 9.77 21.91
CA LYS A 195 -2.21 9.09 21.62
C LYS A 195 -2.83 9.55 20.30
N ASP A 196 -2.70 10.84 20.02
CA ASP A 196 -3.28 11.39 18.80
C ASP A 196 -2.30 11.29 17.62
N GLY A 197 -2.79 11.58 16.41
CA GLY A 197 -1.92 11.59 15.23
C GLY A 197 -0.71 12.46 15.46
N ILE A 198 0.43 12.14 14.84
CA ILE A 198 1.63 12.95 15.12
C ILE A 198 1.57 14.27 14.37
N ILE A 199 1.11 14.22 13.11
CA ILE A 199 0.95 15.42 12.29
C ILE A 199 -0.43 15.41 11.67
N THR A 200 -1.24 16.42 12.01
CA THR A 200 -2.62 16.46 11.55
C THR A 200 -2.98 17.80 10.92
N PHE A 201 -3.52 17.77 9.71
CA PHE A 201 -4.17 18.93 9.10
C PHE A 201 -5.67 18.69 9.09
N GLU A 202 -6.40 19.40 9.94
CA GLU A 202 -7.84 19.19 10.09
C GLU A 202 -8.58 20.47 9.73
N ASN A 203 -9.48 20.36 8.76
CA ASN A 203 -10.24 21.52 8.25
C ASN A 203 -11.73 21.23 8.19
N LEU A 204 -12.26 20.70 9.29
CA LEU A 204 -13.69 20.35 9.34
C LEU A 204 -14.60 21.58 9.35
N SER A 205 -14.09 22.70 9.84
N SER A 205 -14.08 22.68 9.87
CA SER A 205 -14.82 23.96 9.87
CA SER A 205 -14.80 23.94 9.86
C SER A 205 -14.12 25.02 9.06
C SER A 205 -14.15 24.85 8.83
N GLY A 206 -14.90 25.84 8.36
CA GLY A 206 -14.34 26.84 7.47
C GLY A 206 -14.19 26.29 6.07
N ASP A 207 -13.25 26.86 5.31
CA ASP A 207 -13.00 26.45 3.94
C ASP A 207 -12.22 25.12 3.96
N TRP A 208 -12.41 24.33 2.91
CA TRP A 208 -11.61 23.12 2.73
C TRP A 208 -10.12 23.51 2.86
N GLY A 209 -9.35 22.69 3.55
CA GLY A 209 -7.92 22.92 3.68
C GLY A 209 -7.25 22.94 2.32
N LYS A 210 -6.31 23.86 2.11
CA LYS A 210 -5.51 23.89 0.90
C LYS A 210 -4.13 24.42 1.24
N GLY A 211 -3.13 23.98 0.49
CA GLY A 211 -1.75 24.44 0.72
C GLY A 211 -1.03 23.81 1.89
N ASN A 212 -1.63 22.77 2.48
CA ASN A 212 -1.12 22.14 3.67
C ASN A 212 -0.30 20.89 3.34
N TYR A 213 0.96 20.91 3.75
CA TYR A 213 1.90 19.83 3.44
C TYR A 213 2.67 19.32 4.63
N VAL A 214 3.04 18.04 4.55
CA VAL A 214 4.16 17.46 5.26
C VAL A 214 5.28 17.31 4.23
N ILE A 215 6.40 18.01 4.48
CA ILE A 215 7.54 17.97 3.57
C ILE A 215 8.77 17.49 4.33
N GLY A 216 9.34 16.36 3.88
CA GLY A 216 10.55 15.83 4.49
C GLY A 216 10.34 15.30 5.89
N GLY A 217 11.44 14.98 6.54
CA GLY A 217 11.41 14.54 7.93
C GLY A 217 10.86 13.15 8.18
N ARG A 218 10.65 12.85 9.46
CA ARG A 218 10.20 11.54 9.87
C ARG A 218 9.55 11.61 11.24
N THR A 219 8.77 10.58 11.55
CA THR A 219 8.20 10.39 12.89
C THR A 219 8.35 8.93 13.31
N SER A 220 8.23 8.71 14.62
CA SER A 220 8.25 7.37 15.19
C SER A 220 7.12 7.17 16.21
N TYR A 221 6.60 5.95 16.21
CA TYR A 221 5.57 5.52 17.18
C TYR A 221 4.27 6.33 17.06
N GLY A 222 3.58 6.55 18.16
CA GLY A 222 2.23 7.09 18.14
C GLY A 222 1.19 5.99 18.09
N SER A 223 0.07 6.23 18.76
CA SER A 223 -1.02 5.27 18.81
C SER A 223 -1.84 5.19 17.53
N VAL A 224 -1.90 6.27 16.77
CA VAL A 224 -2.69 6.27 15.54
C VAL A 224 -1.78 6.64 14.36
N SER A 225 -2.27 7.43 13.40
CA SER A 225 -1.50 7.65 12.16
C SER A 225 -0.44 8.74 12.30
N SER A 226 0.64 8.59 11.55
CA SER A 226 1.77 9.52 11.66
C SER A 226 1.43 10.86 11.04
N ALA A 227 0.89 10.84 9.82
CA ALA A 227 0.52 12.05 9.13
C ALA A 227 -0.89 11.84 8.58
N GLN A 228 -1.80 12.79 8.85
CA GLN A 228 -3.20 12.59 8.46
C GLN A 228 -3.89 13.88 8.08
N PHE A 229 -4.87 13.76 7.20
CA PHE A 229 -5.60 14.90 6.67
C PHE A 229 -7.10 14.69 6.84
N LEU A 230 -7.80 15.78 7.19
CA LEU A 230 -9.28 15.81 7.21
C LEU A 230 -9.79 17.04 6.45
N ARG A 231 -10.64 16.79 5.46
CA ARG A 231 -11.32 17.85 4.67
C ARG A 231 -10.33 18.84 4.04
N ASN A 232 -9.30 18.28 3.39
CA ASN A 232 -8.38 19.06 2.55
C ASN A 232 -8.62 18.79 1.07
N ASN A 233 -8.54 19.84 0.25
CA ASN A 233 -8.62 19.70 -1.20
C ASN A 233 -7.53 20.56 -1.83
N GLY A 234 -6.55 19.91 -2.44
CA GLY A 234 -5.42 20.60 -3.04
C GLY A 234 -5.76 21.37 -4.30
N GLY A 235 -6.97 21.22 -4.82
CA GLY A 235 -7.33 21.83 -6.11
C GLY A 235 -6.67 21.14 -7.29
N PHE A 236 -6.99 21.58 -8.51
CA PHE A 236 -6.33 20.97 -9.69
C PHE A 236 -4.81 21.14 -9.58
N GLU A 237 -4.40 22.22 -8.94
CA GLU A 237 -2.97 22.53 -8.68
C GLU A 237 -2.25 21.52 -7.75
N ARG A 238 -3.02 20.63 -7.13
CA ARG A 238 -2.48 19.61 -6.24
C ARG A 238 -1.62 20.25 -5.13
N ASP A 239 -2.15 21.31 -4.55
CA ASP A 239 -1.43 22.11 -3.57
C ASP A 239 -1.66 21.57 -2.15
N GLY A 240 -0.99 20.47 -1.83
CA GLY A 240 -1.01 19.91 -0.48
C GLY A 240 -0.63 18.44 -0.54
N GLY A 241 -0.41 17.83 0.62
CA GLY A 241 -0.13 16.42 0.72
C GLY A 241 1.17 16.13 1.45
N VAL A 242 1.78 15.02 1.07
CA VAL A 242 2.95 14.50 1.75
C VAL A 242 4.01 14.17 0.72
N ILE A 243 5.20 14.76 0.89
CA ILE A 243 6.30 14.60 -0.05
C ILE A 243 7.61 14.42 0.74
N GLY A 244 8.33 13.34 0.49
CA GLY A 244 9.66 13.14 1.07
C GLY A 244 9.67 12.73 2.53
N PHE A 245 8.59 12.08 2.98
CA PHE A 245 8.36 11.82 4.40
C PHE A 245 8.60 10.37 4.72
N THR A 246 9.07 10.10 5.95
CA THR A 246 9.23 8.73 6.49
C THR A 246 8.42 8.54 7.78
N SER A 247 7.62 7.48 7.83
CA SER A 247 6.92 7.10 9.06
C SER A 247 7.44 5.75 9.55
N TYR A 248 7.76 5.66 10.83
CA TYR A 248 8.11 4.39 11.49
C TYR A 248 7.14 4.03 12.60
N ARG A 249 6.67 2.78 12.56
CA ARG A 249 5.89 2.18 13.65
C ARG A 249 4.69 3.00 14.08
N ALA A 250 3.92 3.49 13.10
CA ALA A 250 2.62 4.07 13.40
C ALA A 250 1.72 3.05 14.08
N GLY A 251 1.04 3.44 15.14
CA GLY A 251 0.04 2.56 15.77
C GLY A 251 -1.17 2.30 14.89
N GLU A 252 -1.46 3.22 13.98
CA GLU A 252 -2.40 2.97 12.89
C GLU A 252 -1.62 2.99 11.57
N SER A 253 -1.65 4.09 10.81
CA SER A 253 -1.07 4.10 9.48
C SER A 253 0.00 5.18 9.32
N GLY A 254 0.88 5.03 8.34
CA GLY A 254 1.93 6.03 8.13
C GLY A 254 1.36 7.36 7.62
N VAL A 255 0.57 7.25 6.56
CA VAL A 255 -0.08 8.39 5.96
C VAL A 255 -1.54 8.06 5.73
N LYS A 256 -2.43 8.90 6.25
CA LYS A 256 -3.87 8.65 6.17
C LYS A 256 -4.67 9.83 5.61
N THR A 257 -5.51 9.56 4.61
CA THR A 257 -6.60 10.47 4.27
C THR A 257 -7.83 9.91 4.95
N TRP A 258 -8.48 10.72 5.78
CA TRP A 258 -9.59 10.22 6.57
C TRP A 258 -10.78 9.79 5.74
N GLN A 259 -11.57 8.88 6.30
CA GLN A 259 -12.81 8.43 5.69
C GLN A 259 -14.03 8.82 6.54
N GLY A 260 -15.15 8.99 5.86
CA GLY A 260 -16.44 9.11 6.54
C GLY A 260 -16.71 10.47 7.14
N THR A 261 -17.79 10.52 7.91
CA THR A 261 -18.20 11.74 8.58
C THR A 261 -17.44 11.87 9.90
N VAL A 262 -17.01 13.09 10.19
CA VAL A 262 -16.44 13.41 11.50
C VAL A 262 -17.17 14.64 12.02
N GLY A 263 -17.81 14.49 13.17
CA GLY A 263 -18.73 15.50 13.66
C GLY A 263 -19.95 15.52 12.78
N SER A 264 -20.13 16.60 12.02
CA SER A 264 -21.32 16.81 11.20
C SER A 264 -21.01 16.85 9.71
N THR A 265 -19.76 16.60 9.34
CA THR A 265 -19.39 16.82 7.94
C THR A 265 -18.31 15.83 7.48
N THR A 266 -17.97 15.91 6.20
CA THR A 266 -17.02 14.98 5.61
C THR A 266 -15.60 15.23 6.11
N SER A 267 -14.85 14.14 6.34
CA SER A 267 -13.42 14.23 6.66
C SER A 267 -12.53 13.88 5.48
N ARG A 268 -13.14 13.71 4.32
CA ARG A 268 -12.46 13.19 3.16
C ARG A 268 -11.53 14.24 2.54
N ASN A 269 -10.75 13.80 1.55
CA ASN A 269 -9.72 14.64 0.94
C ASN A 269 -9.62 14.40 -0.56
N TYR A 270 -9.25 15.44 -1.29
CA TYR A 270 -9.18 15.46 -2.75
C TYR A 270 -7.89 16.11 -3.17
N ASN A 271 -7.38 15.70 -4.33
CA ASN A 271 -6.34 16.46 -5.02
C ASN A 271 -5.06 16.70 -4.21
N LEU A 272 -4.66 15.73 -3.41
CA LEU A 272 -3.40 15.84 -2.65
C LEU A 272 -2.30 15.04 -3.33
N GLN A 273 -1.05 15.44 -3.06
CA GLN A 273 0.11 14.67 -3.48
C GLN A 273 0.55 13.69 -2.40
N PHE A 274 0.91 12.50 -2.84
CA PHE A 274 1.55 11.49 -1.99
C PHE A 274 2.70 10.91 -2.78
N ARG A 275 3.90 11.40 -2.48
CA ARG A 275 5.06 11.12 -3.31
C ARG A 275 6.36 11.04 -2.54
N ASP A 276 7.27 10.20 -3.06
CA ASP A 276 8.65 10.15 -2.58
CA ASP A 276 8.65 10.11 -2.58
C ASP A 276 8.67 9.91 -1.07
N SER A 277 7.79 9.03 -0.60
CA SER A 277 7.66 8.81 0.85
C SER A 277 7.75 7.33 1.17
N VAL A 278 8.03 7.07 2.44
CA VAL A 278 8.33 5.72 2.93
C VAL A 278 7.60 5.48 4.23
N VAL A 279 6.95 4.33 4.35
CA VAL A 279 6.34 3.94 5.62
C VAL A 279 6.85 2.57 6.02
N ILE A 280 7.38 2.47 7.23
CA ILE A 280 7.92 1.21 7.69
C ILE A 280 7.29 0.79 9.01
N TYR A 281 6.97 -0.49 9.09
CA TYR A 281 6.41 -1.12 10.30
C TYR A 281 5.16 -0.46 10.91
N PRO A 282 4.18 -0.07 10.06
CA PRO A 282 2.90 0.36 10.65
C PRO A 282 2.12 -0.85 11.17
N VAL A 283 1.39 -0.64 12.26
CA VAL A 283 0.52 -1.67 12.83
C VAL A 283 -0.67 -1.93 11.89
N TRP A 284 -1.20 -0.88 11.25
CA TRP A 284 -2.24 -1.04 10.24
C TRP A 284 -1.63 -0.78 8.86
N ASP A 285 -1.86 0.37 8.24
CA ASP A 285 -1.46 0.51 6.84
C ASP A 285 -0.19 1.34 6.64
N GLY A 286 0.49 1.14 5.52
CA GLY A 286 1.56 2.04 5.11
C GLY A 286 0.95 3.36 4.69
N PHE A 287 0.28 3.35 3.54
CA PHE A 287 -0.53 4.49 3.10
C PHE A 287 -1.98 4.04 3.06
N ASP A 288 -2.87 4.83 3.66
CA ASP A 288 -4.32 4.62 3.62
C ASP A 288 -4.90 5.84 2.93
N LEU A 289 -5.11 5.72 1.63
CA LEU A 289 -5.62 6.81 0.81
C LEU A 289 -7.09 6.62 0.45
N GLY A 290 -7.82 5.85 1.27
CA GLY A 290 -9.25 5.69 1.10
C GLY A 290 -10.04 6.90 1.59
N ALA A 291 -11.25 7.07 1.06
CA ALA A 291 -12.18 8.12 1.47
C ALA A 291 -13.51 7.59 2.04
N ASP A 292 -13.89 6.38 1.64
CA ASP A 292 -15.05 5.70 2.22
C ASP A 292 -14.53 4.46 2.98
N THR A 293 -14.97 4.23 4.21
CA THR A 293 -14.43 3.10 4.97
C THR A 293 -15.46 2.01 5.27
N ASP A 294 -15.08 0.76 5.06
CA ASP A 294 -15.94 -0.40 5.40
C ASP A 294 -15.92 -0.68 6.92
N MET A 295 -15.00 -0.03 7.65
CA MET A 295 -14.92 -0.18 9.12
C MET A 295 -16.09 0.48 9.85
N ASN A 296 -16.72 1.46 9.20
CA ASN A 296 -17.86 2.17 9.79
C ASN A 296 -18.75 2.68 8.66
N PRO A 297 -19.51 1.77 8.04
CA PRO A 297 -20.17 2.16 6.80
C PRO A 297 -21.28 3.18 7.03
N GLU A 298 -21.30 4.24 6.22
CA GLU A 298 -22.35 5.25 6.26
C GLU A 298 -23.09 5.24 4.93
N LEU A 299 -24.39 5.55 4.98
CA LEU A 299 -25.23 5.50 3.78
C LEU A 299 -25.35 6.85 3.07
N ASP A 300 -24.76 7.90 3.64
CA ASP A 300 -24.71 9.19 2.99
C ASP A 300 -23.35 9.86 3.24
N ARG A 301 -23.16 11.05 2.70
CA ARG A 301 -21.92 11.81 2.85
C ARG A 301 -22.21 13.30 3.09
N PRO A 302 -22.65 13.64 4.30
CA PRO A 302 -22.86 15.03 4.64
C PRO A 302 -21.65 15.89 4.29
N GLY A 303 -21.87 17.00 3.55
CA GLY A 303 -20.77 17.89 3.17
C GLY A 303 -19.89 17.45 2.01
N ASP A 304 -20.24 16.32 1.40
CA ASP A 304 -19.50 15.77 0.25
C ASP A 304 -20.48 15.30 -0.83
N TYR A 305 -19.96 14.65 -1.87
CA TYR A 305 -20.80 14.14 -2.95
C TYR A 305 -21.71 13.06 -2.42
N PRO A 306 -22.98 13.07 -2.84
CA PRO A 306 -23.87 12.01 -2.37
C PRO A 306 -23.62 10.68 -3.04
N ILE A 307 -24.08 9.63 -2.39
CA ILE A 307 -23.97 8.27 -2.92
C ILE A 307 -24.64 8.14 -4.29
N THR A 308 -25.73 8.89 -4.51
CA THR A 308 -26.40 8.88 -5.82
C THR A 308 -25.54 9.37 -6.97
N GLN A 309 -24.57 10.25 -6.69
CA GLN A 309 -23.69 10.80 -7.70
C GLN A 309 -22.48 9.89 -7.87
N TYR A 310 -21.85 9.52 -6.75
CA TYR A 310 -20.68 8.63 -6.73
C TYR A 310 -20.89 7.51 -5.71
N PRO A 311 -21.02 6.27 -6.18
CA PRO A 311 -21.20 5.14 -5.27
C PRO A 311 -20.04 5.00 -4.29
N LEU A 312 -20.26 4.25 -3.22
CA LEU A 312 -19.22 3.98 -2.23
C LEU A 312 -17.93 3.55 -2.93
N HIS A 313 -16.82 4.13 -2.50
CA HIS A 313 -15.49 3.82 -3.02
C HIS A 313 -15.24 4.33 -4.42
N GLN A 314 -16.14 5.15 -4.97
CA GLN A 314 -15.97 5.67 -6.34
C GLN A 314 -15.87 7.19 -6.42
N LEU A 315 -15.39 7.83 -5.36
CA LEU A 315 -15.19 9.26 -5.41
C LEU A 315 -14.06 9.65 -6.37
N PRO A 316 -14.20 10.80 -7.02
CA PRO A 316 -13.16 11.29 -7.93
C PRO A 316 -12.03 11.97 -7.15
N LEU A 317 -11.31 11.16 -6.40
CA LEU A 317 -10.37 11.68 -5.39
C LEU A 317 -9.20 12.44 -6.02
N ASN A 318 -8.72 11.94 -7.18
CA ASN A 318 -7.78 12.67 -8.03
C ASN A 318 -6.40 12.97 -7.41
N HIS A 319 -6.02 12.25 -6.35
CA HIS A 319 -4.71 12.41 -5.72
C HIS A 319 -3.59 12.10 -6.72
N LEU A 320 -2.45 12.77 -6.55
CA LEU A 320 -1.26 12.54 -7.36
C LEU A 320 -0.35 11.63 -6.56
N ILE A 321 -0.28 10.37 -6.99
CA ILE A 321 0.31 9.30 -6.18
C ILE A 321 1.44 8.63 -6.97
N ASP A 322 2.66 8.69 -6.44
CA ASP A 322 3.85 8.24 -7.20
C ASP A 322 5.05 8.03 -6.29
N ASN A 323 5.81 6.98 -6.56
CA ASN A 323 7.08 6.72 -5.90
C ASN A 323 6.95 6.57 -4.38
N LEU A 324 6.23 5.53 -3.99
CA LEU A 324 6.04 5.18 -2.59
C LEU A 324 6.64 3.82 -2.25
N LEU A 325 7.16 3.70 -1.03
CA LEU A 325 7.81 2.48 -0.51
C LEU A 325 7.17 2.14 0.83
N VAL A 326 6.80 0.89 0.99
CA VAL A 326 6.33 0.39 2.28
C VAL A 326 7.05 -0.93 2.59
N ARG A 327 7.50 -1.08 3.83
CA ARG A 327 8.05 -2.35 4.30
C ARG A 327 7.57 -2.62 5.71
N GLY A 328 7.24 -3.89 5.99
CA GLY A 328 6.97 -4.31 7.36
C GLY A 328 5.58 -4.02 7.90
N ALA A 329 4.61 -3.74 7.02
CA ALA A 329 3.24 -3.48 7.48
C ALA A 329 2.58 -4.73 8.06
N LEU A 330 1.93 -4.57 9.21
CA LEU A 330 1.13 -5.63 9.80
C LEU A 330 -0.29 -5.74 9.22
N GLY A 331 -0.85 -4.60 8.83
N GLY A 331 -0.82 -4.62 8.70
CA GLY A 331 -2.06 -4.57 8.04
CA GLY A 331 -2.16 -4.55 8.12
C GLY A 331 -1.59 -4.40 6.62
C GLY A 331 -2.19 -4.68 6.60
N VAL A 332 -2.26 -3.54 5.89
CA VAL A 332 -2.11 -3.49 4.45
C VAL A 332 -1.01 -2.47 4.08
N GLY A 333 -0.08 -2.84 3.21
CA GLY A 333 0.97 -1.92 2.82
C GLY A 333 0.39 -0.65 2.19
N PHE A 334 -0.44 -0.83 1.19
CA PHE A 334 -0.94 0.27 0.38
C PHE A 334 -2.45 0.09 0.14
N GLY A 335 -3.24 0.95 0.79
CA GLY A 335 -4.69 0.88 0.65
C GLY A 335 -5.27 2.13 0.04
N MET A 336 -6.26 1.97 -0.84
CA MET A 336 -6.98 3.12 -1.37
C MET A 336 -8.36 2.76 -1.91
N ASP A 337 -9.12 3.79 -2.23
CA ASP A 337 -10.33 3.62 -3.04
C ASP A 337 -10.39 4.79 -4.03
N GLY A 338 -11.49 4.91 -4.78
CA GLY A 338 -11.67 6.00 -5.73
C GLY A 338 -11.91 5.50 -7.14
N LYS A 339 -12.43 6.38 -8.00
N LYS A 339 -12.41 6.39 -8.00
CA LYS A 339 -12.65 6.08 -9.40
CA LYS A 339 -12.65 6.08 -9.39
C LYS A 339 -11.78 7.00 -10.23
C LYS A 339 -11.78 7.00 -10.23
N GLY A 340 -11.31 6.51 -11.36
CA GLY A 340 -10.54 7.35 -12.28
C GLY A 340 -9.15 7.70 -11.77
N MET A 341 -8.60 6.85 -10.88
CA MET A 341 -7.31 7.11 -10.27
C MET A 341 -6.14 6.66 -11.18
N TYR A 342 -5.04 7.40 -11.14
CA TYR A 342 -3.75 6.99 -11.69
C TYR A 342 -2.76 6.83 -10.53
N VAL A 343 -2.10 5.69 -10.48
CA VAL A 343 -1.14 5.35 -9.44
C VAL A 343 0.09 4.78 -10.12
N SER A 344 1.28 5.18 -9.68
CA SER A 344 2.51 4.74 -10.33
C SER A 344 3.64 4.53 -9.34
N ASN A 345 4.47 3.51 -9.64
CA ASN A 345 5.76 3.34 -9.00
C ASN A 345 5.61 3.15 -7.49
N ILE A 346 4.92 2.07 -7.15
CA ILE A 346 4.63 1.69 -5.78
C ILE A 346 5.35 0.39 -5.48
N THR A 347 6.11 0.39 -4.39
CA THR A 347 6.89 -0.78 -3.97
C THR A 347 6.50 -1.13 -2.54
N VAL A 348 5.96 -2.34 -2.36
CA VAL A 348 5.55 -2.86 -1.05
C VAL A 348 6.28 -4.19 -0.85
N GLU A 349 7.05 -4.31 0.22
CA GLU A 349 7.87 -5.52 0.41
C GLU A 349 7.90 -5.95 1.86
N ASP A 350 8.13 -7.25 2.07
CA ASP A 350 8.34 -7.80 3.41
C ASP A 350 7.31 -7.31 4.41
N CYS A 351 6.05 -7.64 4.16
CA CYS A 351 4.93 -7.25 5.02
C CYS A 351 4.25 -8.50 5.60
N ALA A 352 3.98 -8.48 6.90
CA ALA A 352 3.20 -9.53 7.55
C ALA A 352 1.75 -9.46 7.05
N GLY A 353 1.24 -8.25 6.87
CA GLY A 353 -0.07 -8.07 6.27
C GLY A 353 -0.01 -8.06 4.76
N SER A 354 -1.17 -7.87 4.11
N SER A 354 -1.15 -7.88 4.10
CA SER A 354 -1.27 -7.86 2.65
CA SER A 354 -1.20 -7.91 2.64
C SER A 354 -0.52 -6.66 2.07
C SER A 354 -0.55 -6.67 2.06
N GLY A 355 -0.15 -6.76 0.79
CA GLY A 355 0.60 -5.69 0.14
C GLY A 355 -0.27 -4.52 -0.26
N ALA A 356 -1.42 -4.81 -0.87
CA ALA A 356 -2.27 -3.76 -1.44
C ALA A 356 -3.74 -4.17 -1.39
N TYR A 357 -4.58 -3.19 -1.09
CA TYR A 357 -6.01 -3.41 -0.98
C TYR A 357 -6.66 -2.23 -1.69
N LEU A 358 -7.16 -2.49 -2.88
CA LEU A 358 -7.47 -1.42 -3.80
C LEU A 358 -8.95 -1.48 -4.18
N LEU A 359 -9.76 -0.67 -3.49
CA LEU A 359 -11.19 -0.61 -3.77
C LEU A 359 -11.45 0.46 -4.82
N THR A 360 -10.87 0.22 -5.99
CA THR A 360 -10.81 1.20 -7.06
C THR A 360 -11.54 0.74 -8.30
N HIS A 361 -12.00 1.69 -9.11
N HIS A 361 -11.87 1.71 -9.15
CA HIS A 361 -12.74 1.41 -10.33
CA HIS A 361 -12.78 1.52 -10.27
C HIS A 361 -12.27 2.38 -11.40
C HIS A 361 -12.29 2.43 -11.41
N GLU A 362 -12.21 1.89 -12.63
CA GLU A 362 -11.74 2.68 -13.78
C GLU A 362 -10.42 3.39 -13.48
N SER A 363 -9.54 2.67 -12.81
CA SER A 363 -8.26 3.21 -12.38
C SER A 363 -7.11 2.44 -13.02
N VAL A 364 -5.95 3.10 -13.07
CA VAL A 364 -4.75 2.61 -13.73
C VAL A 364 -3.60 2.56 -12.72
N PHE A 365 -2.96 1.39 -12.64
CA PHE A 365 -1.81 1.12 -11.78
C PHE A 365 -0.62 0.76 -12.67
N THR A 366 0.44 1.57 -12.60
CA THR A 366 1.63 1.40 -13.44
C THR A 366 2.85 1.12 -12.60
N ASN A 367 3.57 0.06 -12.94
CA ASN A 367 4.80 -0.31 -12.23
C ASN A 367 4.60 -0.51 -10.73
N ILE A 368 3.81 -1.52 -10.38
CA ILE A 368 3.57 -1.94 -9.01
C ILE A 368 4.44 -3.15 -8.66
N ALA A 369 5.06 -3.12 -7.49
CA ALA A 369 5.81 -4.28 -6.99
C ALA A 369 5.27 -4.66 -5.61
N ILE A 370 4.81 -5.91 -5.50
CA ILE A 370 4.25 -6.47 -4.26
C ILE A 370 5.06 -7.72 -3.96
N ILE A 371 6.01 -7.60 -3.03
CA ILE A 371 7.08 -8.56 -2.88
C ILE A 371 7.12 -9.11 -1.46
N ASP A 372 6.78 -10.39 -1.30
CA ASP A 372 6.77 -11.03 0.03
C ASP A 372 5.87 -10.29 1.02
N THR A 373 4.57 -10.30 0.73
CA THR A 373 3.55 -9.75 1.62
C THR A 373 2.55 -10.83 2.04
N ASN A 374 1.68 -10.49 2.97
CA ASN A 374 0.81 -11.49 3.62
C ASN A 374 1.66 -12.63 4.20
N THR A 375 2.82 -12.31 4.74
CA THR A 375 3.76 -13.34 5.22
C THR A 375 3.24 -14.07 6.46
N LYS A 376 2.22 -13.53 7.13
CA LYS A 376 1.59 -14.22 8.26
C LYS A 376 0.50 -15.18 7.79
N ASP A 377 -0.12 -14.85 6.65
CA ASP A 377 -1.32 -15.52 6.11
C ASP A 377 -2.61 -15.13 6.74
N PHE A 378 -2.68 -13.96 7.34
CA PHE A 378 -3.95 -13.56 7.87
C PHE A 378 -4.90 -13.46 6.69
N GLN A 379 -4.47 -12.77 5.63
CA GLN A 379 -5.38 -12.23 4.62
C GLN A 379 -5.60 -13.17 3.45
N ALA A 380 -6.63 -12.89 2.67
CA ALA A 380 -7.02 -13.72 1.53
C ALA A 380 -6.11 -13.59 0.33
N ASN A 381 -5.34 -12.51 0.28
CA ASN A 381 -4.46 -12.28 -0.88
C ASN A 381 -3.33 -11.33 -0.56
N GLN A 382 -2.40 -11.20 -1.51
CA GLN A 382 -1.33 -10.21 -1.38
C GLN A 382 -1.74 -8.87 -2.00
N ILE A 383 -2.48 -8.94 -3.11
CA ILE A 383 -3.04 -7.73 -3.71
C ILE A 383 -4.46 -8.02 -4.18
N TYR A 384 -5.36 -7.12 -3.78
CA TYR A 384 -6.78 -7.20 -4.14
C TYR A 384 -7.21 -5.93 -4.83
N ILE A 385 -7.95 -6.10 -5.93
CA ILE A 385 -8.59 -4.98 -6.62
C ILE A 385 -10.06 -5.33 -6.88
N SER A 386 -10.98 -4.49 -6.45
CA SER A 386 -12.40 -4.81 -6.57
C SER A 386 -12.92 -4.51 -7.96
N GLY A 387 -12.69 -3.29 -8.43
CA GLY A 387 -13.33 -2.82 -9.63
C GLY A 387 -12.57 -3.07 -10.92
N ALA A 388 -13.06 -2.43 -11.98
CA ALA A 388 -12.56 -2.63 -13.33
C ALA A 388 -11.39 -1.70 -13.59
N CYS A 389 -10.19 -2.23 -13.35
CA CYS A 389 -8.97 -1.44 -13.42
C CYS A 389 -7.97 -2.05 -14.38
N ARG A 390 -6.93 -1.26 -14.66
CA ARG A 390 -5.81 -1.69 -15.48
C ARG A 390 -4.55 -1.70 -14.64
N VAL A 391 -3.79 -2.79 -14.75
CA VAL A 391 -2.48 -2.88 -14.12
C VAL A 391 -1.46 -3.14 -15.22
N ASN A 392 -0.50 -2.24 -15.32
CA ASN A 392 0.56 -2.32 -16.31
C ASN A 392 1.91 -2.37 -15.61
N GLY A 393 2.40 -3.60 -15.42
CA GLY A 393 3.62 -3.90 -14.67
C GLY A 393 3.30 -4.26 -13.23
N LEU A 394 3.48 -5.53 -12.89
CA LEU A 394 3.18 -6.04 -11.55
C LEU A 394 4.22 -7.09 -11.18
N ARG A 395 5.10 -6.74 -10.26
CA ARG A 395 6.10 -7.70 -9.79
C ARG A 395 5.53 -8.42 -8.58
N LEU A 396 5.54 -9.76 -8.61
CA LEU A 396 5.03 -10.58 -7.52
C LEU A 396 6.07 -11.64 -7.11
N ILE A 397 6.18 -11.85 -5.80
CA ILE A 397 6.98 -12.91 -5.18
C ILE A 397 8.46 -12.50 -5.03
N GLY A 398 8.95 -12.58 -3.79
CA GLY A 398 10.36 -12.40 -3.51
C GLY A 398 10.92 -13.78 -3.29
N ILE A 399 11.19 -14.09 -2.03
CA ILE A 399 11.76 -15.36 -1.62
C ILE A 399 10.87 -16.18 -0.67
N ARG A 400 9.73 -15.64 -0.25
CA ARG A 400 8.85 -16.37 0.68
C ARG A 400 7.91 -17.30 -0.10
N SER A 401 7.60 -18.46 0.46
CA SER A 401 6.67 -19.38 -0.20
C SER A 401 5.27 -19.28 0.41
N GLY A 404 -0.64 -21.99 2.15
CA GLY A 404 -2.04 -22.38 2.06
C GLY A 404 -2.64 -22.15 0.67
N GLN A 405 -3.93 -21.84 0.63
CA GLN A 405 -4.65 -21.68 -0.64
C GLN A 405 -4.96 -20.21 -0.99
N SER A 406 -4.36 -19.27 -0.26
CA SER A 406 -4.63 -17.87 -0.49
C SER A 406 -4.10 -17.44 -1.87
N LEU A 407 -4.86 -16.59 -2.54
CA LEU A 407 -4.46 -16.03 -3.84
C LEU A 407 -3.33 -15.04 -3.69
N THR A 408 -2.57 -14.83 -4.75
CA THR A 408 -1.54 -13.82 -4.75
C THR A 408 -2.16 -12.49 -5.21
N ILE A 409 -2.78 -12.52 -6.39
CA ILE A 409 -3.57 -11.39 -6.88
C ILE A 409 -5.01 -11.86 -7.12
N ASP A 410 -5.96 -11.17 -6.50
CA ASP A 410 -7.38 -11.33 -6.78
C ASP A 410 -7.88 -9.98 -7.28
N ALA A 411 -7.97 -9.87 -8.59
CA ALA A 411 -8.39 -8.65 -9.25
C ALA A 411 -9.36 -9.04 -10.38
N PRO A 412 -10.56 -9.53 -10.00
CA PRO A 412 -11.44 -10.26 -10.91
C PRO A 412 -12.02 -9.44 -12.07
N ASN A 413 -12.02 -8.11 -11.94
CA ASN A 413 -12.52 -7.24 -13.00
C ASN A 413 -11.42 -6.48 -13.70
N SER A 414 -10.16 -6.81 -13.38
CA SER A 414 -9.03 -6.05 -13.91
C SER A 414 -8.30 -6.75 -15.05
N THR A 415 -7.77 -5.94 -15.96
CA THR A 415 -6.96 -6.39 -17.08
C THR A 415 -5.51 -6.06 -16.75
N VAL A 416 -4.64 -7.06 -16.83
CA VAL A 416 -3.30 -6.97 -16.28
C VAL A 416 -2.30 -7.39 -17.38
N SER A 417 -1.14 -6.76 -17.35
CA SER A 417 -0.05 -7.10 -18.28
CA SER A 417 -0.04 -7.10 -18.27
C SER A 417 1.27 -6.92 -17.53
N GLY A 418 2.29 -7.70 -17.90
CA GLY A 418 3.63 -7.50 -17.33
C GLY A 418 3.86 -7.99 -15.91
N ILE A 419 3.32 -9.15 -15.55
CA ILE A 419 3.70 -9.79 -14.30
C ILE A 419 5.10 -10.35 -14.44
N THR A 420 5.92 -10.12 -13.40
CA THR A 420 7.21 -10.76 -13.29
C THR A 420 7.32 -11.39 -11.91
N GLY A 421 8.08 -12.47 -11.82
CA GLY A 421 8.32 -13.16 -10.57
C GLY A 421 7.86 -14.60 -10.59
N MET A 422 8.26 -15.34 -9.56
CA MET A 422 7.97 -16.77 -9.44
C MET A 422 6.60 -17.02 -8.81
N VAL A 423 5.59 -16.38 -9.39
CA VAL A 423 4.23 -16.53 -8.94
C VAL A 423 3.70 -17.95 -9.26
N ASP A 424 2.91 -18.51 -8.36
CA ASP A 424 2.19 -19.75 -8.63
C ASP A 424 0.97 -19.37 -9.48
N PRO A 425 0.90 -19.83 -10.74
CA PRO A 425 -0.17 -19.39 -11.64
C PRO A 425 -1.58 -19.66 -11.14
N SER A 426 -1.75 -20.70 -10.31
CA SER A 426 -3.04 -21.01 -9.73
C SER A 426 -3.51 -19.95 -8.74
N ARG A 427 -2.60 -19.07 -8.32
CA ARG A 427 -2.92 -18.02 -7.35
C ARG A 427 -3.08 -16.64 -8.00
N ILE A 428 -3.24 -16.64 -9.33
CA ILE A 428 -3.56 -15.44 -10.10
C ILE A 428 -5.03 -15.51 -10.46
N ASN A 429 -5.78 -14.48 -10.11
CA ASN A 429 -7.14 -14.32 -10.62
C ASN A 429 -7.34 -12.90 -11.15
N VAL A 430 -7.55 -12.79 -12.47
CA VAL A 430 -7.80 -11.50 -13.14
C VAL A 430 -8.89 -11.69 -14.18
N ALA A 431 -9.42 -10.59 -14.72
CA ALA A 431 -10.38 -10.65 -15.82
C ALA A 431 -9.70 -11.03 -17.14
N ASN A 432 -8.50 -10.48 -17.35
CA ASN A 432 -7.73 -10.68 -18.59
C ASN A 432 -6.25 -10.45 -18.30
N LEU A 433 -5.40 -11.35 -18.79
CA LEU A 433 -3.95 -11.26 -18.68
C LEU A 433 -3.35 -11.41 -20.08
N ALA A 434 -2.51 -10.45 -20.50
CA ALA A 434 -1.99 -10.51 -21.87
C ALA A 434 -0.68 -9.75 -22.03
N GLU A 435 0.17 -10.28 -22.91
CA GLU A 435 1.41 -9.65 -23.36
C GLU A 435 1.26 -9.44 -24.88
N GLU A 436 0.60 -8.36 -25.27
CA GLU A 436 0.21 -8.14 -26.67
C GLU A 436 1.37 -7.73 -27.56
N GLY A 437 2.37 -7.12 -26.93
CA GLY A 437 3.46 -6.45 -27.61
C GLY A 437 4.87 -6.93 -27.35
N LEU A 438 5.08 -8.24 -27.16
CA LEU A 438 6.44 -8.75 -27.06
C LEU A 438 7.04 -8.86 -28.46
N GLY A 439 8.37 -8.87 -28.52
CA GLY A 439 9.10 -9.12 -29.76
C GLY A 439 9.28 -10.61 -30.03
N ASN A 440 10.26 -10.94 -30.86
CA ASN A 440 10.71 -12.33 -31.00
C ASN A 440 11.19 -12.82 -29.64
N ILE A 441 10.87 -14.06 -29.30
CA ILE A 441 11.01 -14.56 -27.95
C ILE A 441 12.00 -15.71 -27.89
N ARG A 442 12.74 -15.79 -26.78
CA ARG A 442 13.47 -17.01 -26.44
C ARG A 442 13.18 -17.41 -24.99
N ALA A 443 12.84 -18.68 -24.80
CA ALA A 443 12.71 -19.28 -23.50
C ALA A 443 14.01 -20.01 -23.14
N ASN A 444 14.72 -19.51 -22.12
CA ASN A 444 16.00 -20.02 -21.67
C ASN A 444 15.82 -20.83 -20.39
N SER A 445 16.14 -22.11 -20.45
CA SER A 445 15.97 -23.02 -19.31
C SER A 445 17.31 -23.41 -18.67
N PHE A 446 17.36 -23.22 -17.36
CA PHE A 446 18.51 -23.52 -16.52
C PHE A 446 18.11 -24.55 -15.47
N GLY A 447 18.97 -25.51 -15.20
CA GLY A 447 18.74 -26.51 -14.14
C GLY A 447 17.72 -27.61 -14.47
N TYR A 448 17.39 -27.72 -15.76
CA TYR A 448 16.49 -28.77 -16.26
C TYR A 448 17.05 -29.37 -17.55
N ASP A 449 16.61 -30.58 -17.88
CA ASP A 449 16.96 -31.21 -19.17
C ASP A 449 15.99 -30.82 -20.27
N SER A 450 15.11 -29.87 -19.98
CA SER A 450 14.14 -29.41 -20.96
C SER A 450 13.84 -27.92 -20.78
N ALA A 451 13.33 -27.31 -21.86
CA ALA A 451 12.77 -25.96 -21.85
C ALA A 451 11.30 -26.07 -22.22
N ALA A 452 10.49 -25.14 -21.73
CA ALA A 452 9.04 -25.25 -21.87
C ALA A 452 8.40 -23.90 -22.15
N ILE A 453 7.39 -23.94 -23.02
CA ILE A 453 6.48 -22.83 -23.24
C ILE A 453 5.12 -23.46 -23.04
N LYS A 454 4.52 -23.18 -21.90
CA LYS A 454 3.28 -23.80 -21.48
C LYS A 454 2.07 -22.90 -21.69
N LEU A 455 0.89 -23.53 -21.82
CA LEU A 455 -0.37 -22.82 -21.91
C LEU A 455 -1.31 -23.30 -20.82
N ARG A 456 -2.04 -22.35 -20.23
CA ARG A 456 -2.99 -22.68 -19.16
C ARG A 456 -4.27 -21.89 -19.35
N ILE A 457 -5.38 -22.62 -19.52
CA ILE A 457 -6.70 -22.02 -19.71
C ILE A 457 -7.39 -22.06 -18.35
N HIS A 458 -7.46 -20.91 -17.67
CA HIS A 458 -7.92 -20.92 -16.29
C HIS A 458 -9.38 -21.35 -16.15
N LYS A 459 -10.19 -21.13 -17.19
CA LYS A 459 -11.58 -21.61 -17.18
C LYS A 459 -11.61 -23.14 -17.12
N LEU A 460 -10.67 -23.79 -17.79
CA LEU A 460 -10.58 -25.27 -17.76
C LEU A 460 -10.02 -25.76 -16.44
N SER A 461 -8.89 -25.20 -16.03
CA SER A 461 -8.20 -25.56 -14.79
C SER A 461 -7.21 -24.45 -14.42
N LYS A 462 -7.22 -24.04 -13.15
CA LYS A 462 -6.25 -23.08 -12.65
C LYS A 462 -4.95 -23.72 -12.21
N THR A 463 -4.96 -25.04 -12.05
CA THR A 463 -3.83 -25.75 -11.46
C THR A 463 -3.05 -26.64 -12.45
N LEU A 464 -3.62 -26.91 -13.63
CA LEU A 464 -3.00 -27.80 -14.62
C LEU A 464 -2.82 -27.09 -15.96
N ASP A 465 -1.61 -27.20 -16.52
CA ASP A 465 -1.38 -26.70 -17.86
C ASP A 465 -2.15 -27.56 -18.87
N SER A 466 -2.75 -26.91 -19.86
CA SER A 466 -3.62 -27.57 -20.84
C SER A 466 -2.86 -28.02 -22.08
N GLY A 467 -1.69 -27.42 -22.32
CA GLY A 467 -0.83 -27.82 -23.43
C GLY A 467 0.55 -27.22 -23.26
N ALA A 468 1.50 -27.70 -24.06
CA ALA A 468 2.89 -27.24 -23.98
C ALA A 468 3.65 -27.46 -25.26
N LEU A 469 4.65 -26.61 -25.44
CA LEU A 469 5.70 -26.78 -26.41
C LEU A 469 6.98 -27.00 -25.61
N TYR A 470 7.53 -28.20 -25.69
CA TYR A 470 8.78 -28.51 -25.02
C TYR A 470 9.95 -28.72 -25.98
N SER A 471 11.15 -28.53 -25.46
CA SER A 471 12.38 -29.04 -26.06
C SER A 471 13.07 -29.83 -24.96
N HIS A 472 13.42 -31.08 -25.26
CA HIS A 472 14.05 -32.01 -24.28
CA HIS A 472 14.06 -31.95 -24.28
C HIS A 472 15.38 -32.51 -24.82
N ILE A 473 16.40 -32.58 -23.96
CA ILE A 473 17.69 -33.12 -24.37
C ILE A 473 17.56 -34.56 -24.87
N ASN A 474 18.23 -34.89 -25.97
CA ASN A 474 18.43 -36.29 -26.34
C ASN A 474 19.80 -36.75 -25.84
N GLY A 475 19.82 -37.80 -25.01
CA GLY A 475 21.05 -38.32 -24.46
C GLY A 475 21.55 -37.43 -23.34
N GLY A 476 22.80 -37.00 -23.43
CA GLY A 476 23.40 -36.16 -22.39
C GLY A 476 23.68 -34.74 -22.82
N ALA A 477 24.20 -33.96 -21.87
CA ALA A 477 24.66 -32.60 -22.12
C ALA A 477 25.68 -32.60 -23.26
N GLY A 478 25.70 -31.54 -24.06
CA GLY A 478 26.64 -31.57 -25.21
C GLY A 478 26.43 -32.64 -26.30
N SER A 479 25.28 -33.35 -26.30
CA SER A 479 24.94 -34.26 -27.41
C SER A 479 24.69 -33.49 -28.69
N GLY A 480 24.41 -32.20 -28.58
CA GLY A 480 24.04 -31.40 -29.73
C GLY A 480 22.68 -31.78 -30.30
N SER A 481 21.86 -32.47 -29.51
CA SER A 481 20.59 -33.01 -30.01
C SER A 481 19.47 -32.88 -28.98
N ALA A 482 18.28 -32.53 -29.46
CA ALA A 482 17.09 -32.40 -28.63
C ALA A 482 15.87 -32.77 -29.44
N TYR A 483 14.78 -33.13 -28.76
CA TYR A 483 13.48 -33.29 -29.41
C TYR A 483 12.48 -32.27 -28.93
N THR A 484 11.63 -31.86 -29.88
CA THR A 484 10.58 -30.87 -29.67
C THR A 484 9.26 -31.59 -29.53
N GLN A 485 8.44 -31.13 -28.61
CA GLN A 485 7.22 -31.85 -28.28
C GLN A 485 6.06 -30.90 -28.17
N LEU A 486 4.92 -31.27 -28.76
CA LEU A 486 3.71 -30.46 -28.72
C LEU A 486 2.67 -31.32 -28.01
N THR A 487 2.15 -30.85 -26.88
CA THR A 487 1.31 -31.69 -26.03
C THR A 487 -0.07 -31.08 -25.79
N ALA A 488 -1.00 -31.94 -25.36
CA ALA A 488 -2.36 -31.57 -24.96
C ALA A 488 -2.80 -32.39 -23.75
N ILE A 489 -3.57 -31.76 -22.86
CA ILE A 489 -4.12 -32.42 -21.68
C ILE A 489 -5.30 -33.31 -22.02
N SER A 490 -5.36 -34.48 -21.37
CA SER A 490 -6.52 -35.35 -21.47
C SER A 490 -6.72 -36.04 -20.12
N GLY A 491 -7.98 -36.20 -19.72
CA GLY A 491 -8.33 -36.83 -18.45
C GLY A 491 -7.65 -36.19 -17.26
N SER A 492 -7.51 -34.87 -17.31
CA SER A 492 -6.83 -34.07 -16.29
C SER A 492 -5.37 -34.52 -16.03
N THR A 493 -4.73 -35.11 -17.05
CA THR A 493 -3.32 -35.49 -17.00
C THR A 493 -2.53 -34.63 -17.99
N PRO A 494 -1.75 -33.64 -17.48
CA PRO A 494 -0.98 -32.78 -18.40
C PRO A 494 -0.11 -33.60 -19.33
N ASP A 495 0.06 -33.12 -20.55
CA ASP A 495 0.94 -33.76 -21.52
C ASP A 495 0.54 -35.19 -21.91
N ALA A 496 -0.75 -35.52 -21.79
CA ALA A 496 -1.23 -36.87 -22.02
C ALA A 496 -1.05 -37.32 -23.47
N VAL A 497 -1.25 -36.39 -24.39
CA VAL A 497 -1.25 -36.66 -25.85
C VAL A 497 -0.20 -35.75 -26.45
N SER A 498 0.71 -36.29 -27.26
CA SER A 498 1.72 -35.43 -27.87
C SER A 498 2.28 -35.90 -29.20
N LEU A 499 2.73 -34.92 -29.97
CA LEU A 499 3.47 -35.07 -31.20
C LEU A 499 4.91 -34.71 -30.89
N LYS A 500 5.86 -35.51 -31.38
CA LYS A 500 7.27 -35.31 -31.16
C LYS A 500 8.04 -35.16 -32.47
N VAL A 501 9.08 -34.34 -32.43
CA VAL A 501 10.01 -34.18 -33.54
C VAL A 501 11.44 -34.43 -33.06
N ASN A 502 12.09 -35.46 -33.61
CA ASN A 502 13.48 -35.83 -33.33
C ASN A 502 13.74 -36.56 -32.01
N HIS A 503 12.77 -37.29 -31.49
CA HIS A 503 12.97 -38.10 -30.30
C HIS A 503 14.09 -39.11 -30.53
N LYS A 504 15.02 -39.23 -29.58
CA LYS A 504 16.16 -40.14 -29.71
C LYS A 504 17.02 -39.84 -30.93
N ASP A 505 17.01 -38.57 -31.36
CA ASP A 505 17.72 -38.09 -32.55
C ASP A 505 17.37 -38.85 -33.82
N CYS A 506 16.12 -39.33 -33.89
CA CYS A 506 15.69 -40.14 -35.03
C CYS A 506 15.40 -39.31 -36.31
N ARG A 507 15.35 -37.99 -36.20
CA ARG A 507 15.07 -37.08 -37.32
C ARG A 507 13.66 -37.18 -37.91
N GLY A 508 12.74 -37.78 -37.16
CA GLY A 508 11.37 -38.03 -37.62
C GLY A 508 10.34 -37.46 -36.67
N ALA A 509 9.11 -37.32 -37.17
CA ALA A 509 7.99 -36.90 -36.34
C ALA A 509 7.17 -38.09 -35.86
N GLU A 510 6.97 -38.17 -34.54
CA GLU A 510 6.14 -39.20 -33.93
C GLU A 510 4.74 -38.62 -33.77
N ILE A 511 3.78 -39.30 -34.39
CA ILE A 511 2.44 -38.77 -34.60
C ILE A 511 1.44 -39.60 -33.80
N PRO A 512 0.70 -38.97 -32.87
CA PRO A 512 -0.32 -39.69 -32.13
C PRO A 512 -1.54 -40.01 -32.99
N PHE A 513 -2.11 -41.20 -32.80
CA PHE A 513 -3.32 -41.58 -33.51
C PHE A 513 -4.43 -41.98 -32.56
N VAL A 514 -5.67 -41.85 -33.04
CA VAL A 514 -6.83 -42.24 -32.23
C VAL A 514 -6.75 -43.75 -31.94
N PRO A 515 -6.82 -44.15 -30.65
CA PRO A 515 -6.58 -45.55 -30.30
C PRO A 515 -7.71 -46.53 -30.66
N ASP A 516 -8.79 -46.04 -31.26
CA ASP A 516 -9.91 -46.87 -31.66
C ASP A 516 -10.54 -46.21 -32.88
N ILE A 517 -11.65 -46.76 -33.35
CA ILE A 517 -12.29 -46.24 -34.55
C ILE A 517 -12.76 -44.81 -34.27
N ALA A 518 -12.29 -43.84 -35.06
CA ALA A 518 -12.63 -42.43 -34.87
C ALA A 518 -14.07 -42.16 -35.29
N SER A 519 -14.80 -41.43 -34.46
CA SER A 519 -16.12 -40.93 -34.81
C SER A 519 -16.02 -39.86 -35.88
N ASP A 520 -17.04 -39.72 -36.70
CA ASP A 520 -17.11 -38.66 -37.72
C ASP A 520 -16.78 -37.28 -37.16
N ASP A 521 -17.26 -36.97 -35.95
CA ASP A 521 -17.12 -35.61 -35.44
C ASP A 521 -15.75 -35.31 -34.83
N PHE A 522 -14.85 -36.30 -34.80
CA PHE A 522 -13.49 -36.08 -34.27
C PHE A 522 -12.65 -35.17 -35.13
N ILE A 523 -12.93 -35.13 -36.43
CA ILE A 523 -12.16 -34.32 -37.36
C ILE A 523 -12.78 -32.94 -37.50
N LYS A 524 -11.94 -31.92 -37.44
CA LYS A 524 -12.41 -30.54 -37.40
C LYS A 524 -12.51 -29.88 -38.77
N ASP A 525 -11.40 -29.88 -39.51
CA ASP A 525 -11.24 -29.03 -40.70
C ASP A 525 -11.21 -29.80 -42.03
N SER A 526 -11.68 -29.15 -43.09
CA SER A 526 -11.63 -29.73 -44.42
C SER A 526 -10.20 -29.84 -44.90
N SER A 527 -9.96 -30.74 -45.86
CA SER A 527 -8.63 -31.00 -46.37
C SER A 527 -7.62 -31.38 -45.26
N CYS A 528 -8.10 -32.19 -44.30
CA CYS A 528 -7.27 -32.74 -43.23
C CYS A 528 -7.60 -34.21 -43.04
N PHE A 529 -6.66 -34.97 -42.50
CA PHE A 529 -6.90 -36.37 -42.11
C PHE A 529 -6.49 -36.66 -40.66
N LEU A 530 -7.14 -37.66 -40.09
CA LEU A 530 -6.98 -38.03 -38.69
C LEU A 530 -6.73 -39.54 -38.66
N PRO A 531 -5.48 -39.96 -38.35
CA PRO A 531 -5.17 -41.38 -38.27
C PRO A 531 -5.84 -42.05 -37.08
N TYR A 532 -6.29 -43.29 -37.27
CA TYR A 532 -6.89 -44.03 -36.18
C TYR A 532 -6.65 -45.52 -36.30
N TRP A 533 -6.76 -46.21 -35.17
CA TRP A 533 -6.38 -47.62 -35.08
C TRP A 533 -7.56 -48.55 -35.35
N GLU A 534 -7.33 -49.50 -36.26
CA GLU A 534 -8.27 -50.58 -36.52
CA GLU A 534 -8.28 -50.58 -36.51
C GLU A 534 -7.64 -51.88 -36.03
N ASN A 535 -7.92 -52.24 -34.79
CA ASN A 535 -7.28 -53.39 -34.17
C ASN A 535 -7.63 -54.70 -34.88
N ASN A 536 -8.83 -54.78 -35.47
CA ASN A 536 -9.31 -56.02 -36.08
C ASN A 536 -8.55 -56.42 -37.35
N SER A 537 -7.75 -55.51 -37.91
CA SER A 537 -6.89 -55.83 -39.05
C SER A 537 -5.41 -55.41 -38.87
N THR A 538 -5.05 -54.94 -37.68
CA THR A 538 -3.70 -54.45 -37.40
C THR A 538 -3.29 -53.40 -38.43
N SER A 539 -4.15 -52.40 -38.60
CA SER A 539 -3.88 -51.34 -39.54
CA SER A 539 -3.93 -51.34 -39.58
C SER A 539 -4.24 -49.97 -39.00
N LEU A 540 -3.60 -48.95 -39.57
CA LEU A 540 -3.97 -47.58 -39.32
C LEU A 540 -4.91 -47.22 -40.46
N LYS A 541 -6.00 -46.57 -40.10
CA LYS A 541 -6.91 -45.95 -41.04
C LYS A 541 -6.78 -44.44 -40.95
N ALA A 542 -7.38 -43.73 -41.92
CA ALA A 542 -7.45 -42.28 -41.90
C ALA A 542 -8.89 -41.82 -42.09
N LEU A 543 -9.42 -41.09 -41.12
CA LEU A 543 -10.66 -40.35 -41.31
C LEU A 543 -10.30 -39.07 -42.06
N VAL A 544 -10.80 -38.95 -43.29
CA VAL A 544 -10.44 -37.86 -44.16
C VAL A 544 -11.63 -36.93 -44.33
N LYS A 545 -11.42 -35.65 -44.05
CA LYS A 545 -12.38 -34.65 -44.46
C LYS A 545 -11.84 -34.02 -45.74
N LYS A 546 -12.47 -34.36 -46.86
CA LYS A 546 -12.01 -33.96 -48.18
C LYS A 546 -12.07 -32.44 -48.35
N PRO A 547 -11.39 -31.91 -49.39
CA PRO A 547 -11.46 -30.47 -49.65
C PRO A 547 -12.91 -29.93 -49.79
N ASN A 548 -13.82 -30.76 -50.30
CA ASN A 548 -15.24 -30.36 -50.39
C ASN A 548 -16.03 -30.54 -49.08
N GLY A 549 -15.37 -30.97 -48.01
CA GLY A 549 -16.00 -31.06 -46.70
C GLY A 549 -16.65 -32.39 -46.37
N GLU A 550 -16.70 -33.30 -47.32
CA GLU A 550 -17.34 -34.60 -47.11
C GLU A 550 -16.35 -35.59 -46.53
N LEU A 551 -16.84 -36.52 -45.72
CA LEU A 551 -15.99 -37.50 -45.04
C LEU A 551 -15.82 -38.77 -45.87
N VAL A 552 -14.62 -39.33 -45.82
CA VAL A 552 -14.33 -40.66 -46.35
C VAL A 552 -13.29 -41.33 -45.44
N ARG A 553 -13.37 -42.64 -45.28
CA ARG A 553 -12.38 -43.41 -44.51
C ARG A 553 -11.50 -44.21 -45.45
N LEU A 554 -10.19 -44.08 -45.23
CA LEU A 554 -9.20 -44.68 -46.08
C LEU A 554 -8.27 -45.55 -45.23
N THR A 555 -7.57 -46.46 -45.89
CA THR A 555 -6.55 -47.27 -45.24
C THR A 555 -5.23 -46.52 -45.36
N LEU A 556 -4.57 -46.32 -44.22
CA LEU A 556 -3.36 -45.52 -44.16
C LEU A 556 -2.10 -46.37 -44.02
N ALA A 557 -2.10 -47.38 -43.16
CA ALA A 557 -0.93 -48.25 -43.04
C ALA A 557 -1.35 -49.68 -42.73
N THR A 558 -0.68 -50.63 -43.39
CA THR A 558 -1.10 -52.02 -43.38
C THR A 558 0.09 -52.95 -43.17
N LEU A 559 -0.20 -54.17 -42.71
CA LEU A 559 0.78 -55.26 -42.72
C LEU A 559 1.07 -55.70 -44.15
#